data_5WIR
#
_entry.id   5WIR
#
_cell.length_a   161.720
_cell.length_b   161.720
_cell.length_c   45.170
_cell.angle_alpha   90.00
_cell.angle_beta   90.00
_cell.angle_gamma   120.00
#
_symmetry.space_group_name_H-M   'P 64'
#
loop_
_entity.id
_entity.type
_entity.pdbx_description
1 polymer TERB1-TBM
2 polymer 'Telomeric repeat-binding factor 1'
3 water water
#
loop_
_entity_poly.entity_id
_entity_poly.type
_entity_poly.pdbx_seq_one_letter_code
_entity_poly.pdbx_strand_id
1 'polypeptide(L)' SKKILLTPRRRQRLS D,C
2 'polypeptide(L)'
;SEDAGLVAEAEAVAAGWMLDFLCLSLCRAFRDGRSEDFRRTRNSAEAIIHGLSSLTACQLRTIYICQFLTRIAAGKTLDA
QFENDERITPLESALMIWGSIEKEHDKLHEEIQNLIKIQAIAVCMENGNFKEAEEVFERIFGDPNSHMPFKSKLLMIISQ
KDTFHSFFQHFSYNHMMEKIKSYVNYVLSEKSSTFLMKAAAKVVE
;
B,A
#
# COMPACT_ATOMS: atom_id res chain seq x y z
N ILE A 4 2.87 -12.97 7.87
CA ILE A 4 1.72 -12.17 8.27
C ILE A 4 2.13 -10.93 9.09
N LEU A 5 1.75 -9.75 8.61
CA LEU A 5 2.04 -8.52 9.33
C LEU A 5 0.77 -7.90 9.88
N LEU A 6 0.12 -7.04 9.10
CA LEU A 6 -1.06 -6.31 9.55
C LEU A 6 -2.34 -6.88 8.97
N THR A 7 -2.25 -7.42 7.77
CA THR A 7 -3.43 -7.90 7.06
C THR A 7 -3.51 -9.43 7.20
N PRO A 8 -4.70 -9.93 7.60
CA PRO A 8 -4.86 -11.35 7.93
C PRO A 8 -4.99 -12.32 6.74
N ARG A 9 -4.60 -13.58 6.96
CA ARG A 9 -4.96 -14.69 6.08
C ARG A 9 -6.41 -15.09 6.36
N ARG A 10 -7.03 -15.78 5.41
CA ARG A 10 -8.45 -16.10 5.55
C ARG A 10 -8.66 -17.61 5.73
N SER B 1 26.08 9.11 -11.68
CA SER B 1 26.58 10.19 -10.83
C SER B 1 25.97 10.14 -9.44
N GLU B 2 24.87 9.40 -9.30
CA GLU B 2 24.36 9.05 -7.98
C GLU B 2 25.09 7.80 -7.50
N ASP B 3 25.10 7.57 -6.19
CA ASP B 3 25.66 6.34 -5.64
C ASP B 3 24.54 5.41 -5.21
N ALA B 4 24.47 4.26 -5.85
CA ALA B 4 23.38 3.31 -5.66
C ALA B 4 23.23 2.86 -4.21
N GLY B 5 24.36 2.78 -3.50
CA GLY B 5 24.37 2.35 -2.11
C GLY B 5 23.81 3.36 -1.14
N LEU B 6 24.20 4.63 -1.30
CA LEU B 6 23.69 5.72 -0.47
C LEU B 6 22.19 5.93 -0.70
N VAL B 7 21.76 5.76 -1.95
CA VAL B 7 20.34 5.87 -2.31
C VAL B 7 19.54 4.85 -1.52
N ALA B 8 19.96 3.58 -1.61
CA ALA B 8 19.28 2.49 -0.93
C ALA B 8 19.27 2.68 0.58
N GLU B 9 20.34 3.24 1.14
CA GLU B 9 20.37 3.51 2.58
C GLU B 9 19.42 4.63 2.92
N ALA B 10 19.36 5.63 2.07
CA ALA B 10 18.42 6.72 2.26
C ALA B 10 16.98 6.22 2.20
N GLU B 11 16.67 5.33 1.25
CA GLU B 11 15.32 4.79 1.12
C GLU B 11 14.90 4.01 2.37
N ALA B 12 15.85 3.30 2.96
CA ALA B 12 15.59 2.55 4.20
C ALA B 12 15.29 3.49 5.36
N VAL B 13 16.00 4.62 5.43
CA VAL B 13 15.74 5.64 6.45
C VAL B 13 14.36 6.27 6.27
N ALA B 14 14.00 6.63 5.04
CA ALA B 14 12.69 7.24 4.79
C ALA B 14 11.57 6.29 5.19
N ALA B 15 11.76 5.01 4.89
CA ALA B 15 10.76 3.98 5.23
C ALA B 15 10.46 3.98 6.73
N GLY B 16 11.49 4.11 7.55
CA GLY B 16 11.30 4.19 8.99
C GLY B 16 10.54 5.45 9.39
N TRP B 17 10.83 6.56 8.72
CA TRP B 17 10.08 7.78 8.98
C TRP B 17 8.60 7.63 8.61
N MET B 18 8.35 6.96 7.49
CA MET B 18 6.97 6.79 7.03
C MET B 18 6.21 5.82 7.94
N LEU B 19 6.90 4.78 8.38
CA LEU B 19 6.35 3.85 9.38
C LEU B 19 5.79 4.59 10.58
N ASP B 20 6.58 5.51 11.13
CA ASP B 20 6.15 6.27 12.30
C ASP B 20 4.96 7.14 12.00
N PHE B 21 4.98 7.80 10.84
CA PHE B 21 3.86 8.65 10.49
C PHE B 21 2.57 7.82 10.29
N LEU B 22 2.69 6.70 9.61
CA LEU B 22 1.51 5.88 9.32
C LEU B 22 0.93 5.28 10.61
N CYS B 23 1.80 4.97 11.56
CA CYS B 23 1.36 4.45 12.86
C CYS B 23 0.47 5.48 13.54
N LEU B 24 0.96 6.72 13.60
CA LEU B 24 0.16 7.84 14.09
C LEU B 24 -1.18 7.95 13.39
N SER B 25 -1.19 7.89 12.07
CA SER B 25 -2.44 7.95 11.32
C SER B 25 -3.34 6.77 11.68
N LEU B 26 -2.72 5.62 11.89
CA LEU B 26 -3.50 4.42 12.21
C LEU B 26 -4.19 4.60 13.57
N CYS B 27 -3.43 5.11 14.54
CA CYS B 27 -3.95 5.38 15.87
C CYS B 27 -5.12 6.37 15.82
N ARG B 28 -4.96 7.48 15.12
CA ARG B 28 -6.04 8.47 15.06
C ARG B 28 -7.30 7.92 14.41
N ALA B 29 -7.13 7.12 13.35
CA ALA B 29 -8.28 6.50 12.73
C ALA B 29 -8.99 5.55 13.71
N PHE B 30 -8.19 4.74 14.40
CA PHE B 30 -8.70 3.85 15.45
C PHE B 30 -9.48 4.63 16.50
N ARG B 31 -8.80 5.59 17.12
CA ARG B 31 -9.38 6.45 18.13
C ARG B 31 -10.71 7.07 17.69
N ASP B 32 -10.79 7.49 16.42
CA ASP B 32 -11.94 8.24 15.94
C ASP B 32 -12.99 7.32 15.35
N GLY B 33 -12.71 6.02 15.33
CA GLY B 33 -13.61 5.08 14.70
C GLY B 33 -13.75 5.27 13.20
N ARG B 34 -12.73 5.85 12.56
CA ARG B 34 -12.76 6.06 11.12
C ARG B 34 -12.28 4.79 10.40
N SER B 35 -13.25 3.92 10.11
CA SER B 35 -13.02 2.56 9.65
C SER B 35 -12.35 2.45 8.29
N GLU B 36 -12.74 3.30 7.35
CA GLU B 36 -12.16 3.21 6.02
C GLU B 36 -10.75 3.78 6.01
N ASP B 37 -10.56 4.94 6.64
CA ASP B 37 -9.23 5.49 6.85
C ASP B 37 -8.30 4.46 7.50
N PHE B 38 -8.84 3.72 8.47
CA PHE B 38 -8.06 2.72 9.17
C PHE B 38 -7.56 1.66 8.20
N ARG B 39 -8.48 1.13 7.39
CA ARG B 39 -8.15 0.09 6.42
C ARG B 39 -7.09 0.56 5.40
N ARG B 40 -7.30 1.76 4.87
CA ARG B 40 -6.38 2.32 3.87
C ARG B 40 -5.00 2.58 4.47
N THR B 41 -4.97 3.17 5.67
CA THR B 41 -3.72 3.43 6.37
C THR B 41 -3.02 2.12 6.72
N ARG B 42 -3.81 1.11 7.08
CA ARG B 42 -3.25 -0.22 7.35
C ARG B 42 -2.52 -0.75 6.12
N ASN B 43 -3.20 -0.72 4.98
CA ASN B 43 -2.60 -1.14 3.71
C ASN B 43 -1.31 -0.41 3.41
N SER B 44 -1.29 0.90 3.65
CA SER B 44 -0.09 1.69 3.41
C SER B 44 1.05 1.26 4.34
N ALA B 45 0.75 1.10 5.63
CA ALA B 45 1.80 0.74 6.59
C ALA B 45 2.38 -0.62 6.25
N GLU B 46 1.51 -1.54 5.86
CA GLU B 46 1.89 -2.89 5.48
C GLU B 46 2.90 -2.91 4.30
N ALA B 47 2.62 -2.10 3.27
CA ALA B 47 3.51 -2.01 2.11
C ALA B 47 4.83 -1.33 2.47
N ILE B 48 4.75 -0.28 3.29
CA ILE B 48 5.91 0.54 3.62
C ILE B 48 6.94 -0.23 4.47
N ILE B 49 6.45 -1.15 5.27
CA ILE B 49 7.35 -1.95 6.13
C ILE B 49 8.40 -2.73 5.29
N HIS B 50 8.07 -3.04 4.04
CA HIS B 50 9.00 -3.75 3.16
C HIS B 50 10.18 -2.91 2.68
N GLY B 51 10.18 -1.61 3.00
CA GLY B 51 11.28 -0.74 2.66
C GLY B 51 12.40 -0.76 3.70
N LEU B 52 12.11 -1.29 4.87
CA LEU B 52 13.13 -1.39 5.91
C LEU B 52 14.21 -2.40 5.51
N SER B 53 15.44 -2.18 5.98
CA SER B 53 16.57 -3.05 5.64
C SER B 53 17.07 -3.76 6.91
N SER B 54 16.68 -3.21 8.05
CA SER B 54 16.85 -3.84 9.34
C SER B 54 15.66 -3.44 10.19
N LEU B 55 15.74 -3.72 11.49
CA LEU B 55 14.64 -3.42 12.38
C LEU B 55 15.21 -3.08 13.75
N THR B 56 15.04 -1.83 14.18
CA THR B 56 15.46 -1.46 15.52
C THR B 56 14.39 -1.85 16.53
N ALA B 57 14.72 -1.75 17.81
CA ALA B 57 13.75 -2.05 18.86
C ALA B 57 12.56 -1.10 18.78
N CYS B 58 12.83 0.16 18.44
CA CYS B 58 11.75 1.13 18.32
C CYS B 58 10.84 0.76 17.17
N GLN B 59 11.41 0.31 16.06
CA GLN B 59 10.62 -0.03 14.87
C GLN B 59 9.80 -1.32 15.05
N LEU B 60 10.39 -2.30 15.74
CA LEU B 60 9.65 -3.51 16.07
C LEU B 60 8.46 -3.13 16.94
N ARG B 61 8.71 -2.28 17.94
CA ARG B 61 7.66 -1.81 18.81
C ARG B 61 6.56 -1.13 18.01
N THR B 62 6.96 -0.21 17.13
CA THR B 62 6.01 0.48 16.26
C THR B 62 5.17 -0.49 15.41
N ILE B 63 5.80 -1.50 14.83
CA ILE B 63 5.07 -2.51 14.07
C ILE B 63 4.09 -3.27 14.97
N TYR B 64 4.56 -3.67 16.15
CA TYR B 64 3.71 -4.31 17.15
C TYR B 64 2.43 -3.52 17.43
N ILE B 65 2.60 -2.22 17.71
CA ILE B 65 1.46 -1.36 17.96
C ILE B 65 0.47 -1.41 16.81
N CYS B 66 0.98 -1.29 15.56
CA CYS B 66 0.11 -1.39 14.39
C CYS B 66 -0.57 -2.75 14.32
N GLN B 67 0.21 -3.80 14.52
CA GLN B 67 -0.35 -5.15 14.52
C GLN B 67 -1.45 -5.28 15.58
N PHE B 68 -1.17 -4.79 16.79
CA PHE B 68 -2.15 -4.83 17.89
C PHE B 68 -3.48 -4.20 17.48
N LEU B 69 -3.42 -2.96 17.01
CA LEU B 69 -4.63 -2.24 16.66
C LEU B 69 -5.42 -2.92 15.55
N THR B 70 -4.72 -3.51 14.59
CA THR B 70 -5.42 -4.17 13.49
C THR B 70 -6.13 -5.44 13.99
N ARG B 71 -5.49 -6.19 14.89
CA ARG B 71 -6.14 -7.39 15.48
C ARG B 71 -7.36 -6.95 16.28
N ILE B 72 -7.21 -5.91 17.09
CA ILE B 72 -8.35 -5.41 17.87
C ILE B 72 -9.50 -4.99 16.96
N ALA B 73 -9.18 -4.22 15.92
CA ALA B 73 -10.22 -3.75 15.01
C ALA B 73 -10.89 -4.92 14.33
N ALA B 74 -10.13 -6.00 14.12
CA ALA B 74 -10.69 -7.21 13.50
C ALA B 74 -11.24 -8.19 14.53
N GLY B 75 -11.39 -7.74 15.77
CA GLY B 75 -11.77 -8.63 16.89
C GLY B 75 -13.02 -9.48 16.72
N LYS B 76 -14.04 -8.90 16.09
CA LYS B 76 -15.30 -9.58 15.80
C LYS B 76 -15.26 -10.42 14.52
N THR B 77 -14.15 -10.32 13.79
CA THR B 77 -14.00 -11.03 12.53
C THR B 77 -13.32 -12.38 12.75
N LEU B 78 -14.10 -13.41 13.07
CA LEU B 78 -13.55 -14.74 13.27
C LEU B 78 -13.11 -15.34 11.93
N ASP B 79 -13.46 -14.65 10.85
CA ASP B 79 -12.96 -14.95 9.51
C ASP B 79 -11.44 -14.83 9.43
N ALA B 80 -10.90 -13.84 10.12
CA ALA B 80 -9.51 -13.42 9.95
C ALA B 80 -8.50 -14.27 10.71
N GLN B 81 -7.45 -14.69 10.00
CA GLN B 81 -6.36 -15.44 10.62
C GLN B 81 -5.09 -14.59 10.67
N PHE B 82 -4.53 -14.43 11.86
CA PHE B 82 -3.37 -13.56 12.05
C PHE B 82 -2.13 -14.33 12.45
N GLU B 83 -2.32 -15.62 12.73
CA GLU B 83 -1.23 -16.47 13.21
C GLU B 83 -1.16 -17.74 12.36
N ASN B 84 0.01 -18.38 12.35
CA ASN B 84 0.16 -19.65 11.65
C ASN B 84 -0.78 -20.69 12.25
N ASP B 85 -0.82 -20.76 13.58
CA ASP B 85 -1.82 -21.56 14.25
C ASP B 85 -3.21 -21.01 13.92
N GLU B 86 -3.95 -21.74 13.08
CA GLU B 86 -5.26 -21.33 12.59
C GLU B 86 -6.31 -21.17 13.71
N ARG B 87 -6.01 -21.73 14.88
CA ARG B 87 -6.95 -21.71 16.01
C ARG B 87 -6.95 -20.38 16.79
N ILE B 88 -5.85 -19.64 16.70
CA ILE B 88 -5.74 -18.38 17.42
C ILE B 88 -6.66 -17.33 16.79
N THR B 89 -7.62 -16.84 17.57
CA THR B 89 -8.59 -15.85 17.07
C THR B 89 -7.96 -14.46 17.11
N PRO B 90 -8.59 -13.46 16.44
CA PRO B 90 -7.96 -12.12 16.39
C PRO B 90 -7.67 -11.50 17.78
N LEU B 91 -8.63 -11.49 18.69
CA LEU B 91 -8.34 -10.96 20.03
C LEU B 91 -7.23 -11.73 20.75
N GLU B 92 -7.16 -13.05 20.54
CA GLU B 92 -6.05 -13.81 21.09
C GLU B 92 -4.73 -13.37 20.49
N SER B 93 -4.74 -13.13 19.18
CA SER B 93 -3.55 -12.60 18.52
C SER B 93 -3.18 -11.24 19.11
N ALA B 94 -4.17 -10.37 19.27
CA ALA B 94 -3.95 -9.07 19.88
C ALA B 94 -3.30 -9.26 21.23
N LEU B 95 -3.87 -10.16 22.02
CA LEU B 95 -3.37 -10.46 23.35
C LEU B 95 -1.88 -10.83 23.30
N MET B 96 -1.51 -11.68 22.36
CA MET B 96 -0.11 -12.08 22.25
C MET B 96 0.83 -10.91 21.95
N ILE B 97 0.39 -10.00 21.09
CA ILE B 97 1.20 -8.84 20.75
C ILE B 97 1.26 -7.89 21.94
N TRP B 98 0.15 -7.77 22.63
CA TRP B 98 0.07 -6.90 23.81
C TRP B 98 1.11 -7.32 24.86
N GLY B 99 1.38 -8.62 24.92
CA GLY B 99 2.37 -9.12 25.86
C GLY B 99 3.79 -9.09 25.30
N SER B 100 3.92 -8.62 24.06
CA SER B 100 5.22 -8.59 23.38
C SER B 100 5.83 -7.19 23.38
N ILE B 101 4.97 -6.17 23.33
CA ILE B 101 5.43 -4.79 23.30
C ILE B 101 6.32 -4.49 24.52
N GLU B 102 7.45 -3.86 24.27
CA GLU B 102 8.29 -3.41 25.38
C GLU B 102 7.59 -2.23 26.03
N LYS B 103 6.92 -2.50 27.15
CA LYS B 103 6.19 -1.44 27.86
C LYS B 103 5.95 -1.88 29.30
N GLU B 104 5.64 -0.91 30.16
CA GLU B 104 5.39 -1.18 31.57
C GLU B 104 4.06 -1.91 31.79
N HIS B 105 4.10 -2.98 32.58
CA HIS B 105 2.90 -3.73 32.94
C HIS B 105 2.23 -3.08 34.15
N ASP B 106 1.56 -1.96 33.91
CA ASP B 106 0.88 -1.21 34.97
C ASP B 106 -0.58 -1.60 35.10
N LYS B 107 -1.34 -0.76 35.78
CA LYS B 107 -2.76 -1.00 35.99
C LYS B 107 -3.52 -0.96 34.68
N LEU B 108 -3.25 0.06 33.86
CA LEU B 108 -3.93 0.19 32.58
C LEU B 108 -3.61 -1.00 31.69
N HIS B 109 -2.36 -1.45 31.71
CA HIS B 109 -1.93 -2.58 30.88
C HIS B 109 -2.66 -3.88 31.26
N GLU B 110 -2.75 -4.15 32.56
CA GLU B 110 -3.41 -5.36 33.04
C GLU B 110 -4.89 -5.32 32.75
N GLU B 111 -5.46 -4.14 32.92
CA GLU B 111 -6.85 -3.89 32.66
C GLU B 111 -7.23 -4.13 31.19
N ILE B 112 -6.41 -3.60 30.28
CA ILE B 112 -6.65 -3.82 28.86
C ILE B 112 -6.48 -5.30 28.55
N GLN B 113 -5.44 -5.89 29.11
CA GLN B 113 -5.19 -7.32 28.94
C GLN B 113 -6.42 -8.16 29.31
N ASN B 114 -7.00 -7.92 30.47
CA ASN B 114 -8.13 -8.72 30.92
C ASN B 114 -9.40 -8.45 30.11
N LEU B 115 -9.60 -7.21 29.70
CA LEU B 115 -10.75 -6.88 28.87
C LEU B 115 -10.69 -7.60 27.54
N ILE B 116 -9.51 -7.67 26.94
CA ILE B 116 -9.33 -8.43 25.70
C ILE B 116 -9.64 -9.92 25.93
N LYS B 117 -9.09 -10.50 27.00
CA LYS B 117 -9.38 -11.91 27.38
C LYS B 117 -10.88 -12.16 27.43
N ILE B 118 -11.59 -11.31 28.15
CA ILE B 118 -13.03 -11.42 28.28
C ILE B 118 -13.72 -11.36 26.92
N GLN B 119 -13.32 -10.41 26.09
CA GLN B 119 -13.96 -10.23 24.80
C GLN B 119 -13.54 -11.34 23.82
N ALA B 120 -12.32 -11.88 23.95
CA ALA B 120 -11.91 -13.03 23.14
C ALA B 120 -12.91 -14.17 23.33
N ILE B 121 -13.37 -14.31 24.56
CA ILE B 121 -14.34 -15.33 24.88
C ILE B 121 -15.72 -14.92 24.41
N ALA B 122 -16.10 -13.68 24.65
CA ALA B 122 -17.46 -13.24 24.35
C ALA B 122 -17.81 -13.36 22.86
N VAL B 123 -16.86 -13.03 21.97
CA VAL B 123 -17.17 -13.11 20.53
C VAL B 123 -17.33 -14.56 20.10
N CYS B 124 -16.58 -15.48 20.71
CA CYS B 124 -16.77 -16.90 20.40
C CYS B 124 -18.18 -17.31 20.78
N MET B 125 -18.64 -16.81 21.92
CA MET B 125 -19.95 -17.19 22.42
C MET B 125 -21.07 -16.52 21.62
N GLU B 126 -20.87 -15.27 21.25
CA GLU B 126 -21.80 -14.56 20.38
C GLU B 126 -22.02 -15.32 19.08
N ASN B 127 -20.98 -15.99 18.60
CA ASN B 127 -21.09 -16.86 17.44
C ASN B 127 -21.58 -18.30 17.73
N GLY B 128 -22.02 -18.57 18.96
CA GLY B 128 -22.40 -19.91 19.35
C GLY B 128 -21.26 -20.93 19.25
N ASN B 129 -20.02 -20.45 19.29
CA ASN B 129 -18.87 -21.35 19.33
C ASN B 129 -18.45 -21.58 20.77
N PHE B 130 -19.30 -22.29 21.51
CA PHE B 130 -19.09 -22.48 22.93
C PHE B 130 -17.87 -23.34 23.21
N LYS B 131 -17.61 -24.33 22.36
CA LYS B 131 -16.44 -25.18 22.56
C LYS B 131 -15.15 -24.40 22.29
N GLU B 132 -15.15 -23.61 21.21
CA GLU B 132 -14.03 -22.71 20.93
C GLU B 132 -13.78 -21.76 22.12
N ALA B 133 -14.85 -21.22 22.69
CA ALA B 133 -14.77 -20.35 23.88
C ALA B 133 -14.04 -21.01 25.04
N GLU B 134 -14.31 -22.30 25.29
CA GLU B 134 -13.62 -23.02 26.36
C GLU B 134 -12.16 -23.21 26.04
N GLU B 135 -11.87 -23.53 24.78
CA GLU B 135 -10.49 -23.70 24.35
C GLU B 135 -9.73 -22.37 24.47
N VAL B 136 -10.41 -21.27 24.14
CA VAL B 136 -9.81 -19.94 24.27
C VAL B 136 -9.49 -19.66 25.74
N PHE B 137 -10.47 -19.88 26.63
CA PHE B 137 -10.26 -19.74 28.08
C PHE B 137 -9.04 -20.51 28.53
N GLU B 138 -8.96 -21.77 28.11
CA GLU B 138 -7.84 -22.63 28.49
C GLU B 138 -6.51 -21.99 28.06
N ARG B 139 -6.42 -21.52 26.82
CA ARG B 139 -5.18 -20.91 26.34
C ARG B 139 -4.78 -19.65 27.10
N ILE B 140 -5.75 -18.80 27.44
CA ILE B 140 -5.43 -17.47 27.96
C ILE B 140 -5.62 -17.33 29.46
N PHE B 141 -6.38 -18.25 30.05
CA PHE B 141 -6.66 -18.22 31.50
C PHE B 141 -6.25 -19.54 32.18
N GLY B 142 -5.70 -20.47 31.40
CA GLY B 142 -5.29 -21.76 31.94
C GLY B 142 -4.11 -21.69 32.89
N ASP B 143 -3.24 -20.70 32.66
CA ASP B 143 -2.08 -20.44 33.54
C ASP B 143 -2.53 -20.02 34.94
N PRO B 144 -2.09 -20.75 35.98
CA PRO B 144 -2.41 -20.38 37.37
C PRO B 144 -1.98 -18.96 37.72
N ASN B 145 -0.93 -18.46 37.06
CA ASN B 145 -0.47 -17.08 37.26
C ASN B 145 -1.31 -16.02 36.56
N SER B 146 -2.14 -16.43 35.60
CA SER B 146 -3.03 -15.48 34.92
C SER B 146 -4.31 -15.31 35.72
N HIS B 147 -4.20 -14.54 36.80
CA HIS B 147 -5.28 -14.31 37.74
C HIS B 147 -6.15 -13.12 37.35
N MET B 148 -7.42 -13.17 37.73
CA MET B 148 -8.34 -12.09 37.51
C MET B 148 -9.57 -12.29 38.38
N PRO B 149 -10.05 -11.21 39.03
CA PRO B 149 -11.33 -11.36 39.73
C PRO B 149 -12.41 -11.89 38.77
N PHE B 150 -13.12 -12.91 39.23
CA PHE B 150 -14.19 -13.58 38.48
C PHE B 150 -13.68 -14.50 37.37
N LYS B 151 -12.39 -14.81 37.39
CA LYS B 151 -11.83 -15.76 36.42
C LYS B 151 -12.61 -17.09 36.40
N SER B 152 -12.88 -17.65 37.58
CA SER B 152 -13.69 -18.87 37.70
C SER B 152 -15.11 -18.67 37.23
N LYS B 153 -15.68 -17.53 37.60
CA LYS B 153 -17.02 -17.14 37.20
C LYS B 153 -17.17 -17.10 35.69
N LEU B 154 -16.16 -16.55 35.03
CA LEU B 154 -16.13 -16.49 33.58
C LEU B 154 -16.23 -17.88 32.94
N LEU B 155 -15.46 -18.83 33.45
CA LEU B 155 -15.50 -20.17 32.88
C LEU B 155 -16.88 -20.80 33.12
N MET B 156 -17.48 -20.58 34.29
CA MET B 156 -18.80 -21.16 34.55
C MET B 156 -19.84 -20.57 33.60
N ILE B 157 -19.77 -19.27 33.38
CA ILE B 157 -20.62 -18.57 32.41
C ILE B 157 -20.53 -19.20 31.02
N ILE B 158 -19.31 -19.50 30.59
CA ILE B 158 -19.09 -20.21 29.31
C ILE B 158 -19.75 -21.58 29.30
N SER B 159 -19.38 -22.41 30.27
CA SER B 159 -19.85 -23.78 30.41
C SER B 159 -21.37 -23.85 30.39
N GLN B 160 -21.99 -22.80 30.89
CA GLN B 160 -23.44 -22.70 30.89
C GLN B 160 -23.98 -21.92 29.70
N LYS B 161 -23.13 -21.68 28.72
CA LYS B 161 -23.53 -21.07 27.45
C LYS B 161 -24.29 -19.75 27.66
N ASP B 162 -23.95 -19.02 28.72
CA ASP B 162 -24.71 -17.85 29.09
C ASP B 162 -24.21 -16.57 28.39
N THR B 163 -24.25 -16.59 27.06
CA THR B 163 -23.73 -15.49 26.23
C THR B 163 -24.12 -14.10 26.73
N PHE B 164 -25.35 -13.93 27.19
CA PHE B 164 -25.82 -12.60 27.57
C PHE B 164 -25.81 -12.31 29.06
N HIS B 165 -25.01 -13.05 29.84
CA HIS B 165 -24.85 -12.75 31.27
C HIS B 165 -24.45 -11.30 31.47
N SER B 166 -24.86 -10.76 32.62
CA SER B 166 -24.52 -9.41 33.06
C SER B 166 -23.02 -9.09 33.02
N PHE B 167 -22.18 -10.09 33.22
CA PHE B 167 -20.72 -9.92 33.20
C PHE B 167 -20.28 -9.37 31.85
N PHE B 168 -20.80 -9.98 30.77
CA PHE B 168 -20.49 -9.58 29.40
C PHE B 168 -21.17 -8.27 28.99
N GLN B 169 -22.37 -8.02 29.50
CA GLN B 169 -23.04 -6.74 29.31
C GLN B 169 -22.17 -5.62 29.84
N HIS B 170 -21.58 -5.86 31.01
CA HIS B 170 -20.79 -4.85 31.66
C HIS B 170 -19.38 -4.73 31.08
N PHE B 171 -18.64 -5.84 31.02
CA PHE B 171 -17.30 -5.83 30.41
C PHE B 171 -17.44 -6.04 28.92
N SER B 172 -17.99 -5.04 28.26
CA SER B 172 -18.43 -5.14 26.87
C SER B 172 -17.29 -4.84 25.90
N TYR B 173 -17.56 -5.06 24.62
CA TYR B 173 -16.63 -4.71 23.56
C TYR B 173 -16.32 -3.21 23.60
N ASN B 174 -17.36 -2.39 23.70
CA ASN B 174 -17.21 -0.94 23.80
C ASN B 174 -16.41 -0.52 25.01
N HIS B 175 -16.57 -1.23 26.13
CA HIS B 175 -15.79 -0.93 27.31
C HIS B 175 -14.30 -1.23 27.08
N MET B 176 -14.02 -2.37 26.47
CA MET B 176 -12.66 -2.72 26.06
C MET B 176 -12.08 -1.63 25.16
N MET B 177 -12.86 -1.22 24.17
CA MET B 177 -12.43 -0.22 23.19
C MET B 177 -12.09 1.13 23.84
N GLU B 178 -12.91 1.57 24.79
CA GLU B 178 -12.63 2.82 25.50
C GLU B 178 -11.30 2.76 26.24
N LYS B 179 -11.01 1.64 26.90
CA LYS B 179 -9.72 1.51 27.59
C LYS B 179 -8.53 1.48 26.64
N ILE B 180 -8.73 0.84 25.48
CA ILE B 180 -7.65 0.74 24.50
C ILE B 180 -7.44 2.12 23.86
N LYS B 181 -8.53 2.76 23.46
CA LYS B 181 -8.47 4.14 22.94
C LYS B 181 -7.72 5.07 23.90
N SER B 182 -7.92 4.86 25.18
CA SER B 182 -7.20 5.64 26.18
C SER B 182 -5.70 5.40 26.08
N TYR B 183 -5.29 4.16 25.85
CA TYR B 183 -3.87 3.86 25.64
C TYR B 183 -3.34 4.43 24.31
N VAL B 184 -4.18 4.35 23.28
CA VAL B 184 -3.86 4.91 21.96
C VAL B 184 -3.53 6.41 22.06
N ASN B 185 -4.31 7.14 22.87
CA ASN B 185 -4.03 8.56 23.13
C ASN B 185 -2.62 8.78 23.65
N TYR B 186 -2.15 7.88 24.52
CA TYR B 186 -0.77 7.94 24.99
C TYR B 186 0.26 7.77 23.88
N VAL B 187 0.04 6.78 23.01
CA VAL B 187 0.95 6.54 21.90
C VAL B 187 0.99 7.77 21.00
N LEU B 188 -0.18 8.39 20.81
CA LEU B 188 -0.28 9.60 20.01
C LEU B 188 0.58 10.73 20.58
N SER B 189 0.54 10.91 21.91
CA SER B 189 1.36 11.92 22.59
C SER B 189 2.84 11.61 22.46
N GLU B 190 3.20 10.34 22.58
CA GLU B 190 4.59 9.93 22.49
C GLU B 190 5.17 10.13 21.09
N LYS B 191 4.42 9.71 20.08
CA LYS B 191 4.95 9.66 18.71
C LYS B 191 4.70 10.90 17.87
N SER B 192 3.93 11.86 18.37
CA SER B 192 3.61 13.06 17.59
C SER B 192 4.87 13.92 17.36
N SER B 193 5.94 13.60 18.06
CA SER B 193 7.20 14.32 17.96
C SER B 193 8.17 13.66 16.99
N THR B 194 7.76 12.58 16.34
CA THR B 194 8.61 11.91 15.36
C THR B 194 8.74 12.77 14.09
N PHE B 195 9.75 12.46 13.29
CA PHE B 195 10.27 13.39 12.29
C PHE B 195 9.21 13.90 11.31
N LEU B 196 8.57 12.99 10.58
CA LEU B 196 7.67 13.35 9.50
C LEU B 196 6.45 14.17 9.98
N MET B 197 5.81 13.70 11.04
CA MET B 197 4.65 14.41 11.59
C MET B 197 5.06 15.77 12.14
N LYS B 198 6.22 15.85 12.78
CA LYS B 198 6.67 17.12 13.33
C LYS B 198 6.98 18.12 12.21
N ALA B 199 7.70 17.65 11.18
CA ALA B 199 8.00 18.49 10.03
C ALA B 199 6.71 19.01 9.38
N ALA B 200 5.72 18.14 9.23
CA ALA B 200 4.46 18.51 8.58
C ALA B 200 3.62 19.44 9.43
N ALA B 201 3.60 19.20 10.74
CA ALA B 201 2.91 20.11 11.67
C ALA B 201 3.51 21.52 11.58
N LYS B 202 4.83 21.58 11.42
CA LYS B 202 5.53 22.88 11.32
C LYS B 202 5.14 23.64 10.05
N VAL B 203 5.14 22.95 8.92
CA VAL B 203 4.70 23.55 7.66
C VAL B 203 3.34 24.23 7.82
N VAL B 204 2.43 23.59 8.55
CA VAL B 204 1.05 24.06 8.59
C VAL B 204 0.67 24.85 9.85
N GLU B 205 1.61 25.06 10.78
CA GLU B 205 1.25 25.70 12.04
C GLU B 205 0.84 27.17 11.88
N LYS C 3 -11.50 1.39 -9.83
CA LYS C 3 -10.59 1.82 -10.89
C LYS C 3 -9.20 1.19 -10.76
N ILE C 4 -8.69 0.68 -11.88
CA ILE C 4 -7.36 0.08 -11.93
C ILE C 4 -6.27 1.16 -11.81
N LEU C 5 -5.49 1.07 -10.74
CA LEU C 5 -4.51 2.11 -10.49
C LEU C 5 -3.11 1.76 -11.03
N LEU C 6 -2.32 1.04 -10.24
CA LEU C 6 -0.96 0.66 -10.64
C LEU C 6 -0.84 -0.83 -10.95
N THR C 7 -1.67 -1.66 -10.32
CA THR C 7 -1.61 -3.11 -10.57
C THR C 7 -2.79 -3.57 -11.42
N PRO C 8 -2.51 -4.39 -12.45
CA PRO C 8 -3.45 -4.89 -13.47
C PRO C 8 -4.21 -6.17 -13.09
N ARG C 9 -5.26 -6.50 -13.86
CA ARG C 9 -5.96 -7.79 -13.80
C ARG C 9 -5.48 -8.71 -14.93
N ARG C 10 -6.00 -9.95 -14.96
CA ARG C 10 -5.60 -10.95 -15.95
C ARG C 10 -6.67 -11.16 -17.04
N ARG C 11 -6.32 -10.92 -18.31
CA ARG C 11 -7.27 -11.10 -19.42
C ARG C 11 -7.64 -12.57 -19.60
N GLN C 12 -6.68 -13.46 -19.33
CA GLN C 12 -6.89 -14.89 -19.46
C GLN C 12 -7.48 -15.55 -18.21
N ARG C 13 -8.66 -15.11 -17.79
CA ARG C 13 -9.30 -15.64 -16.58
C ARG C 13 -10.69 -16.21 -16.91
N LEU C 14 -11.59 -16.16 -15.92
CA LEU C 14 -12.99 -16.66 -15.97
C LEU C 14 -13.39 -17.32 -17.29
N SER D 1 -2.87 19.59 20.58
CA SER D 1 -2.16 19.29 19.35
C SER D 1 -3.05 18.52 18.37
N GLU D 2 -4.00 17.76 18.93
CA GLU D 2 -4.86 16.89 18.14
C GLU D 2 -6.05 17.62 17.51
N ASP D 3 -5.91 18.92 17.31
CA ASP D 3 -6.89 19.69 16.54
C ASP D 3 -7.10 19.04 15.17
N ALA D 4 -8.32 18.56 14.91
CA ALA D 4 -8.62 17.80 13.71
C ALA D 4 -8.19 18.52 12.43
N GLY D 5 -8.49 19.83 12.36
CA GLY D 5 -8.11 20.64 11.23
C GLY D 5 -6.62 20.64 10.95
N LEU D 6 -5.83 21.06 11.93
CA LEU D 6 -4.37 21.07 11.81
C LEU D 6 -3.79 19.70 11.48
N VAL D 7 -4.41 18.64 12.03
CA VAL D 7 -3.98 17.28 11.73
C VAL D 7 -4.27 16.93 10.28
N ALA D 8 -5.48 17.26 9.82
CA ALA D 8 -5.86 17.07 8.43
C ALA D 8 -4.90 17.82 7.47
N GLU D 9 -4.56 19.06 7.81
CA GLU D 9 -3.65 19.87 6.99
C GLU D 9 -2.25 19.23 6.96
N ALA D 10 -1.78 18.76 8.12
CA ALA D 10 -0.48 18.11 8.22
C ALA D 10 -0.43 16.78 7.46
N GLU D 11 -1.52 16.03 7.46
CA GLU D 11 -1.49 14.70 6.85
C GLU D 11 -1.51 14.83 5.33
N ALA D 12 -2.17 15.87 4.81
CA ALA D 12 -2.11 16.13 3.39
C ALA D 12 -0.68 16.44 2.97
N VAL D 13 0.01 17.26 3.76
CA VAL D 13 1.39 17.62 3.46
C VAL D 13 2.31 16.39 3.51
N ALA D 14 2.11 15.54 4.52
CA ALA D 14 2.97 14.38 4.67
C ALA D 14 2.72 13.36 3.56
N ALA D 15 1.48 13.25 3.11
CA ALA D 15 1.16 12.30 2.06
C ALA D 15 1.79 12.75 0.72
N GLY D 16 1.84 14.06 0.48
CA GLY D 16 2.52 14.57 -0.70
C GLY D 16 4.01 14.23 -0.69
N TRP D 17 4.65 14.41 0.46
CA TRP D 17 6.05 14.03 0.63
C TRP D 17 6.28 12.55 0.37
N MET D 18 5.40 11.71 0.88
CA MET D 18 5.52 10.26 0.70
C MET D 18 5.33 9.86 -0.76
N LEU D 19 4.31 10.42 -1.39
CA LEU D 19 4.08 10.20 -2.82
C LEU D 19 5.29 10.57 -3.68
N ASP D 20 5.84 11.76 -3.49
CA ASP D 20 7.05 12.19 -4.22
C ASP D 20 8.23 11.25 -3.99
N PHE D 21 8.45 10.88 -2.72
CA PHE D 21 9.53 9.97 -2.38
C PHE D 21 9.33 8.62 -3.08
N LEU D 22 8.11 8.10 -3.05
CA LEU D 22 7.84 6.81 -3.69
C LEU D 22 7.95 6.88 -5.23
N CYS D 23 7.54 8.00 -5.83
CA CYS D 23 7.69 8.15 -7.29
C CYS D 23 9.20 8.13 -7.65
N LEU D 24 9.99 8.85 -6.87
CA LEU D 24 11.44 8.86 -7.03
C LEU D 24 12.01 7.43 -7.01
N SER D 25 11.59 6.66 -6.01
CA SER D 25 12.06 5.29 -5.85
C SER D 25 11.58 4.40 -6.99
N LEU D 26 10.33 4.61 -7.44
CA LEU D 26 9.81 3.80 -8.54
C LEU D 26 10.61 4.08 -9.83
N CYS D 27 10.88 5.36 -10.06
CA CYS D 27 11.65 5.80 -11.23
C CYS D 27 13.04 5.17 -11.25
N ARG D 28 13.71 5.16 -10.09
CA ARG D 28 15.08 4.62 -10.01
C ARG D 28 15.10 3.12 -10.22
N ALA D 29 14.15 2.43 -9.59
CA ALA D 29 14.02 0.99 -9.79
C ALA D 29 13.72 0.70 -11.26
N PHE D 30 12.88 1.54 -11.87
CA PHE D 30 12.54 1.37 -13.29
C PHE D 30 13.79 1.52 -14.17
N ARG D 31 14.51 2.61 -13.96
CA ARG D 31 15.73 2.91 -14.69
C ARG D 31 16.76 1.78 -14.52
N ASP D 32 16.95 1.33 -13.28
CA ASP D 32 17.98 0.34 -12.95
C ASP D 32 17.59 -1.07 -13.34
N GLY D 33 16.30 -1.29 -13.57
CA GLY D 33 15.81 -2.63 -13.84
C GLY D 33 15.80 -3.48 -12.59
N ARG D 34 15.62 -2.83 -11.44
CA ARG D 34 15.47 -3.53 -10.17
C ARG D 34 14.03 -3.97 -9.99
N SER D 35 13.73 -5.11 -10.61
CA SER D 35 12.38 -5.63 -10.77
C SER D 35 11.64 -5.89 -9.46
N GLU D 36 12.32 -6.49 -8.49
CA GLU D 36 11.71 -6.73 -7.19
C GLU D 36 11.48 -5.44 -6.40
N ASP D 37 12.45 -4.52 -6.43
CA ASP D 37 12.28 -3.22 -5.77
C ASP D 37 11.13 -2.43 -6.39
N PHE D 38 11.02 -2.53 -7.71
CA PHE D 38 9.97 -1.84 -8.46
C PHE D 38 8.60 -2.34 -7.99
N ARG D 39 8.45 -3.65 -7.86
CA ARG D 39 7.21 -4.25 -7.36
C ARG D 39 6.88 -3.74 -5.94
N ARG D 40 7.85 -3.79 -5.02
CA ARG D 40 7.62 -3.32 -3.66
C ARG D 40 7.20 -1.85 -3.65
N THR D 41 7.95 -1.02 -4.37
CA THR D 41 7.67 0.41 -4.37
C THR D 41 6.29 0.65 -4.99
N ARG D 42 5.97 -0.11 -6.04
CA ARG D 42 4.66 -0.01 -6.66
C ARG D 42 3.52 -0.27 -5.69
N ASN D 43 3.63 -1.35 -4.91
CA ASN D 43 2.62 -1.67 -3.89
C ASN D 43 2.48 -0.53 -2.90
N SER D 44 3.61 0.03 -2.46
CA SER D 44 3.56 1.16 -1.54
C SER D 44 2.91 2.39 -2.18
N ALA D 45 3.35 2.74 -3.39
CA ALA D 45 2.79 3.88 -4.10
C ALA D 45 1.29 3.72 -4.25
N GLU D 46 0.87 2.53 -4.65
CA GLU D 46 -0.54 2.27 -4.84
C GLU D 46 -1.34 2.50 -3.56
N ALA D 47 -0.81 2.04 -2.43
CA ALA D 47 -1.55 2.17 -1.16
C ALA D 47 -1.62 3.64 -0.75
N ILE D 48 -0.50 4.33 -0.88
CA ILE D 48 -0.45 5.73 -0.50
C ILE D 48 -1.43 6.55 -1.36
N ILE D 49 -1.45 6.27 -2.66
CA ILE D 49 -2.39 6.96 -3.56
C ILE D 49 -3.85 6.68 -3.16
N HIS D 50 -4.16 5.43 -2.85
CA HIS D 50 -5.51 5.08 -2.40
C HIS D 50 -5.89 5.79 -1.10
N GLY D 51 -4.90 6.12 -0.27
CA GLY D 51 -5.17 6.84 0.96
C GLY D 51 -5.35 8.35 0.86
N LEU D 52 -5.06 8.94 -0.30
CA LEU D 52 -5.17 10.40 -0.43
C LEU D 52 -6.62 10.86 -0.33
N SER D 53 -6.87 12.01 0.30
CA SER D 53 -8.21 12.60 0.23
C SER D 53 -8.23 13.93 -0.54
N SER D 54 -7.11 14.30 -1.15
CA SER D 54 -7.08 15.51 -1.95
C SER D 54 -5.93 15.43 -2.95
N LEU D 55 -6.01 16.22 -4.03
CA LEU D 55 -5.00 16.21 -5.10
C LEU D 55 -4.61 17.59 -5.58
N THR D 56 -3.34 17.94 -5.44
CA THR D 56 -2.80 19.09 -6.15
C THR D 56 -2.51 18.67 -7.60
N ALA D 57 -2.31 19.63 -8.49
CA ALA D 57 -1.91 19.32 -9.87
C ALA D 57 -0.61 18.51 -9.89
N CYS D 58 0.33 18.84 -9.01
CA CYS D 58 1.60 18.12 -8.96
C CYS D 58 1.40 16.66 -8.55
N GLN D 59 0.47 16.41 -7.63
CA GLN D 59 0.21 15.05 -7.18
C GLN D 59 -0.46 14.25 -8.27
N LEU D 60 -1.40 14.88 -8.99
CA LEU D 60 -2.04 14.18 -10.08
C LEU D 60 -1.02 13.78 -11.14
N ARG D 61 -0.10 14.68 -11.48
CA ARG D 61 0.95 14.36 -12.46
C ARG D 61 1.83 13.20 -11.99
N THR D 62 2.19 13.21 -10.71
CA THR D 62 3.00 12.16 -10.12
C THR D 62 2.29 10.80 -10.17
N ILE D 63 1.00 10.77 -9.87
CA ILE D 63 0.19 9.56 -10.06
C ILE D 63 0.23 9.05 -11.52
N TYR D 64 -0.02 9.95 -12.46
CA TYR D 64 0.11 9.63 -13.89
C TYR D 64 1.49 9.07 -14.22
N ILE D 65 2.55 9.70 -13.71
CA ILE D 65 3.89 9.19 -13.97
C ILE D 65 4.05 7.75 -13.44
N CYS D 66 3.56 7.48 -12.23
CA CYS D 66 3.60 6.11 -11.69
C CYS D 66 2.78 5.12 -12.54
N GLN D 67 1.58 5.53 -12.93
CA GLN D 67 0.78 4.68 -13.79
C GLN D 67 1.48 4.37 -15.11
N PHE D 68 2.10 5.40 -15.69
CA PHE D 68 2.79 5.29 -16.96
C PHE D 68 3.90 4.24 -16.88
N LEU D 69 4.70 4.34 -15.83
CA LEU D 69 5.82 3.42 -15.68
C LEU D 69 5.35 1.99 -15.48
N THR D 70 4.26 1.79 -14.74
CA THR D 70 3.79 0.42 -14.54
C THR D 70 3.21 -0.17 -15.84
N ARG D 71 2.59 0.65 -16.70
CA ARG D 71 2.10 0.13 -17.99
C ARG D 71 3.26 -0.22 -18.89
N ILE D 72 4.26 0.65 -18.94
CA ILE D 72 5.41 0.44 -19.80
C ILE D 72 6.16 -0.83 -19.36
N ALA D 73 6.31 -1.00 -18.05
CA ALA D 73 7.03 -2.17 -17.53
C ALA D 73 6.32 -3.47 -17.92
N ALA D 74 5.00 -3.38 -18.12
CA ALA D 74 4.17 -4.54 -18.48
C ALA D 74 3.85 -4.58 -19.98
N GLY D 75 4.58 -3.82 -20.78
CA GLY D 75 4.23 -3.63 -22.17
C GLY D 75 4.19 -4.87 -23.07
N LYS D 76 5.00 -5.87 -22.72
CA LYS D 76 5.04 -7.11 -23.48
C LYS D 76 4.07 -8.16 -22.93
N THR D 77 3.44 -7.87 -21.80
CA THR D 77 2.43 -8.75 -21.22
C THR D 77 1.03 -8.50 -21.79
N LEU D 78 0.73 -9.08 -22.94
CA LEU D 78 -0.52 -8.77 -23.63
C LEU D 78 -1.78 -9.16 -22.83
N ASP D 79 -1.58 -9.99 -21.81
CA ASP D 79 -2.73 -10.45 -21.03
C ASP D 79 -2.97 -9.62 -19.76
N ALA D 80 -2.08 -8.68 -19.45
CA ALA D 80 -2.29 -7.79 -18.31
C ALA D 80 -3.36 -6.75 -18.65
N GLN D 81 -4.31 -6.56 -17.74
CA GLN D 81 -5.44 -5.65 -18.02
C GLN D 81 -5.36 -4.41 -17.14
N PHE D 82 -5.21 -3.26 -17.79
CA PHE D 82 -5.08 -2.00 -17.04
C PHE D 82 -6.31 -1.09 -17.18
N GLU D 83 -7.24 -1.43 -18.07
CA GLU D 83 -8.44 -0.63 -18.28
C GLU D 83 -9.67 -1.50 -18.07
N ASN D 84 -10.82 -0.87 -17.81
CA ASN D 84 -12.07 -1.63 -17.64
C ASN D 84 -12.40 -2.40 -18.91
N ASP D 85 -12.14 -1.80 -20.06
CA ASP D 85 -12.23 -2.50 -21.35
C ASP D 85 -11.05 -3.45 -21.48
N GLU D 86 -11.32 -4.75 -21.39
CA GLU D 86 -10.27 -5.76 -21.36
C GLU D 86 -9.52 -5.87 -22.69
N ARG D 87 -10.05 -5.24 -23.74
CA ARG D 87 -9.39 -5.21 -25.03
C ARG D 87 -8.13 -4.35 -25.03
N ILE D 88 -8.07 -3.35 -24.15
CA ILE D 88 -6.97 -2.39 -24.17
C ILE D 88 -5.68 -3.02 -23.65
N THR D 89 -4.65 -3.09 -24.51
CA THR D 89 -3.35 -3.65 -24.14
C THR D 89 -2.56 -2.69 -23.26
N PRO D 90 -1.52 -3.20 -22.56
CA PRO D 90 -0.77 -2.32 -21.65
C PRO D 90 -0.13 -1.09 -22.33
N LEU D 91 0.40 -1.24 -23.53
CA LEU D 91 1.04 -0.09 -24.18
C LEU D 91 -0.02 0.94 -24.64
N GLU D 92 -1.20 0.46 -25.05
CA GLU D 92 -2.33 1.37 -25.29
C GLU D 92 -2.75 2.15 -24.06
N SER D 93 -2.83 1.46 -22.92
CA SER D 93 -3.08 2.13 -21.65
C SER D 93 -1.95 3.15 -21.34
N ALA D 94 -0.68 2.79 -21.58
CA ALA D 94 0.41 3.76 -21.42
C ALA D 94 0.18 5.00 -22.30
N LEU D 95 -0.26 4.77 -23.53
CA LEU D 95 -0.51 5.88 -24.46
C LEU D 95 -1.58 6.80 -23.90
N MET D 96 -2.65 6.22 -23.34
CA MET D 96 -3.74 7.03 -22.80
C MET D 96 -3.23 7.92 -21.66
N ILE D 97 -2.43 7.32 -20.77
CA ILE D 97 -1.79 8.08 -19.69
C ILE D 97 -0.89 9.21 -20.23
N TRP D 98 -0.03 8.87 -21.17
CA TRP D 98 0.91 9.84 -21.76
C TRP D 98 0.19 11.05 -22.35
N GLY D 99 -0.99 10.80 -22.93
CA GLY D 99 -1.85 11.85 -23.43
C GLY D 99 -2.34 12.82 -22.36
N SER D 100 -2.05 12.56 -21.09
CA SER D 100 -2.39 13.53 -20.03
C SER D 100 -1.19 14.26 -19.40
N ILE D 101 0.04 13.89 -19.74
CA ILE D 101 1.17 14.60 -19.14
C ILE D 101 2.24 15.10 -20.15
N GLU D 102 3.03 16.10 -19.73
CA GLU D 102 4.23 16.55 -20.47
C GLU D 102 3.95 17.10 -21.87
N LYS D 103 2.69 17.49 -22.12
CA LYS D 103 2.31 18.01 -23.43
C LYS D 103 3.17 19.23 -23.83
N GLU D 104 3.54 20.05 -22.83
CA GLU D 104 4.25 21.30 -23.11
C GLU D 104 5.67 21.05 -23.60
N HIS D 105 6.19 19.83 -23.39
CA HIS D 105 7.50 19.47 -23.92
C HIS D 105 7.29 18.71 -25.22
N ASP D 106 6.93 19.46 -26.26
CA ASP D 106 6.28 18.84 -27.40
C ASP D 106 7.20 17.89 -28.16
N LYS D 107 8.49 18.19 -28.29
CA LYS D 107 9.30 17.28 -29.12
C LYS D 107 9.56 15.93 -28.44
N LEU D 108 9.87 15.93 -27.15
CA LEU D 108 10.10 14.65 -26.47
C LEU D 108 8.76 13.88 -26.37
N HIS D 109 7.68 14.62 -26.14
CA HIS D 109 6.36 14.04 -26.00
C HIS D 109 5.95 13.29 -27.26
N GLU D 110 6.13 13.94 -28.41
CA GLU D 110 5.82 13.34 -29.70
C GLU D 110 6.67 12.11 -29.97
N GLU D 111 7.96 12.21 -29.64
CA GLU D 111 8.87 11.11 -29.89
C GLU D 111 8.47 9.87 -29.10
N ILE D 112 8.21 10.05 -27.82
CA ILE D 112 7.81 8.93 -26.99
C ILE D 112 6.43 8.40 -27.42
N GLN D 113 5.50 9.30 -27.74
CA GLN D 113 4.19 8.89 -28.21
C GLN D 113 4.28 7.98 -29.43
N ASN D 114 5.09 8.40 -30.40
CA ASN D 114 5.28 7.63 -31.62
C ASN D 114 5.88 6.27 -31.37
N LEU D 115 6.87 6.21 -30.49
CA LEU D 115 7.53 4.93 -30.19
C LEU D 115 6.59 3.96 -29.49
N ILE D 116 5.73 4.48 -28.63
CA ILE D 116 4.75 3.64 -27.94
C ILE D 116 3.74 3.09 -28.92
N LYS D 117 3.24 3.95 -29.83
CA LYS D 117 2.30 3.51 -30.87
C LYS D 117 2.89 2.41 -31.73
N ILE D 118 4.14 2.61 -32.14
CA ILE D 118 4.86 1.61 -32.94
C ILE D 118 4.96 0.28 -32.19
N GLN D 119 5.36 0.33 -30.94
CA GLN D 119 5.52 -0.91 -30.19
C GLN D 119 4.18 -1.53 -29.75
N ALA D 120 3.16 -0.71 -29.57
CA ALA D 120 1.83 -1.26 -29.28
C ALA D 120 1.43 -2.24 -30.38
N ILE D 121 1.74 -1.88 -31.62
CA ILE D 121 1.53 -2.76 -32.77
C ILE D 121 2.57 -3.91 -32.85
N ALA D 122 3.85 -3.58 -32.68
CA ALA D 122 4.93 -4.58 -32.74
C ALA D 122 4.75 -5.75 -31.78
N VAL D 123 4.36 -5.48 -30.53
CA VAL D 123 4.25 -6.57 -29.56
C VAL D 123 3.14 -7.56 -29.98
N CYS D 124 2.06 -7.05 -30.59
CA CYS D 124 1.04 -7.93 -31.16
C CYS D 124 1.58 -8.72 -32.37
N MET D 125 2.23 -8.02 -33.30
CA MET D 125 2.71 -8.65 -34.52
C MET D 125 3.74 -9.74 -34.19
N GLU D 126 4.64 -9.44 -33.28
CA GLU D 126 5.72 -10.39 -32.99
C GLU D 126 5.20 -11.62 -32.27
N ASN D 127 4.02 -11.50 -31.64
CA ASN D 127 3.37 -12.65 -31.05
C ASN D 127 2.53 -13.46 -32.03
N GLY D 128 2.44 -13.01 -33.28
CA GLY D 128 1.57 -13.64 -34.25
C GLY D 128 0.11 -13.20 -34.12
N ASN D 129 -0.14 -12.19 -33.30
CA ASN D 129 -1.49 -11.68 -33.08
C ASN D 129 -1.86 -10.62 -34.13
N PHE D 130 -2.02 -11.05 -35.38
CA PHE D 130 -2.17 -10.13 -36.50
C PHE D 130 -3.51 -9.42 -36.45
N LYS D 131 -4.54 -10.13 -36.02
CA LYS D 131 -5.85 -9.54 -35.94
C LYS D 131 -5.87 -8.49 -34.82
N GLU D 132 -5.29 -8.82 -33.68
CA GLU D 132 -5.23 -7.86 -32.58
C GLU D 132 -4.40 -6.63 -32.95
N ALA D 133 -3.34 -6.81 -33.75
CA ALA D 133 -2.55 -5.66 -34.23
C ALA D 133 -3.44 -4.69 -35.01
N GLU D 134 -4.27 -5.26 -35.85
CA GLU D 134 -5.22 -4.50 -36.64
C GLU D 134 -6.20 -3.72 -35.77
N GLU D 135 -6.68 -4.37 -34.70
CA GLU D 135 -7.62 -3.76 -33.76
C GLU D 135 -6.95 -2.65 -32.93
N VAL D 136 -5.72 -2.91 -32.50
CA VAL D 136 -4.96 -1.89 -31.78
C VAL D 136 -4.76 -0.67 -32.67
N PHE D 137 -4.33 -0.94 -33.90
CA PHE D 137 -4.09 0.09 -34.91
C PHE D 137 -5.32 0.99 -35.07
N GLU D 138 -6.48 0.35 -35.18
CA GLU D 138 -7.73 1.09 -35.35
C GLU D 138 -8.01 1.96 -34.12
N ARG D 139 -7.74 1.45 -32.93
CA ARG D 139 -7.99 2.24 -31.74
C ARG D 139 -7.00 3.41 -31.60
N ILE D 140 -5.74 3.23 -31.97
CA ILE D 140 -4.78 4.27 -31.63
C ILE D 140 -4.58 5.27 -32.78
N PHE D 141 -5.03 4.94 -33.98
CA PHE D 141 -4.83 5.86 -35.10
C PHE D 141 -6.11 6.48 -35.64
N GLY D 142 -7.20 6.24 -34.92
CA GLY D 142 -8.50 6.85 -35.19
C GLY D 142 -9.12 6.49 -36.53
N ASP D 143 -9.65 7.52 -37.20
CA ASP D 143 -10.35 7.37 -38.47
C ASP D 143 -9.38 6.82 -39.51
N PRO D 144 -9.80 5.79 -40.25
CA PRO D 144 -8.89 5.19 -41.24
C PRO D 144 -8.36 6.22 -42.25
N ASN D 145 -9.15 7.23 -42.60
CA ASN D 145 -8.70 8.27 -43.54
C ASN D 145 -7.80 9.33 -42.91
N SER D 146 -7.77 9.40 -41.59
CA SER D 146 -6.92 10.36 -40.91
C SER D 146 -5.46 9.98 -41.09
N HIS D 147 -4.59 10.97 -41.21
CA HIS D 147 -3.17 10.71 -41.33
C HIS D 147 -2.44 11.10 -40.05
N MET D 148 -1.45 10.28 -39.68
CA MET D 148 -0.65 10.50 -38.47
C MET D 148 0.73 9.96 -38.75
N PRO D 149 1.73 10.43 -38.00
CA PRO D 149 3.10 9.93 -38.21
C PRO D 149 3.20 8.41 -38.04
N PHE D 150 3.91 7.76 -38.96
CA PHE D 150 4.18 6.32 -38.97
C PHE D 150 2.95 5.43 -39.25
N LYS D 151 1.76 6.01 -39.31
CA LYS D 151 0.52 5.25 -39.52
C LYS D 151 0.53 4.42 -40.81
N SER D 152 0.87 5.04 -41.93
CA SER D 152 0.83 4.32 -43.21
C SER D 152 1.93 3.25 -43.27
N LYS D 153 3.07 3.51 -42.62
CA LYS D 153 4.11 2.51 -42.51
C LYS D 153 3.61 1.30 -41.72
N LEU D 154 2.94 1.56 -40.61
CA LEU D 154 2.46 0.49 -39.75
C LEU D 154 1.33 -0.32 -40.41
N LEU D 155 0.48 0.34 -41.20
CA LEU D 155 -0.57 -0.38 -41.89
C LEU D 155 0.02 -1.36 -42.91
N MET D 156 1.05 -0.92 -43.65
CA MET D 156 1.75 -1.81 -44.59
C MET D 156 2.29 -3.03 -43.85
N ILE D 157 2.92 -2.81 -42.71
CA ILE D 157 3.50 -3.90 -41.92
C ILE D 157 2.45 -4.88 -41.40
N ILE D 158 1.39 -4.35 -40.78
CA ILE D 158 0.29 -5.20 -40.31
C ILE D 158 -0.29 -6.05 -41.46
N SER D 159 -0.42 -5.45 -42.64
CA SER D 159 -1.09 -6.12 -43.76
C SER D 159 -0.27 -7.30 -44.28
N GLN D 160 1.02 -7.32 -43.95
CA GLN D 160 1.90 -8.34 -44.49
C GLN D 160 1.96 -9.58 -43.60
N LYS D 161 1.40 -9.48 -42.40
CA LYS D 161 1.16 -10.64 -41.54
C LYS D 161 2.41 -11.51 -41.30
N ASP D 162 3.47 -10.86 -40.83
CA ASP D 162 4.71 -11.55 -40.53
C ASP D 162 5.14 -11.13 -39.14
N THR D 163 5.64 -12.07 -38.35
CA THR D 163 6.06 -11.76 -36.99
C THR D 163 7.35 -10.94 -36.95
N PHE D 164 8.06 -10.88 -38.07
CA PHE D 164 9.29 -10.11 -38.12
C PHE D 164 9.23 -8.99 -39.15
N HIS D 165 9.62 -7.80 -38.75
CA HIS D 165 9.86 -6.74 -39.74
C HIS D 165 11.04 -5.87 -39.32
N SER D 166 11.85 -5.48 -40.30
CA SER D 166 13.08 -4.70 -40.04
C SER D 166 12.76 -3.39 -39.34
N PHE D 167 11.61 -2.79 -39.70
CA PHE D 167 11.21 -1.50 -39.12
C PHE D 167 11.17 -1.60 -37.60
N PHE D 168 10.69 -2.73 -37.08
CA PHE D 168 10.61 -2.94 -35.64
C PHE D 168 11.98 -3.20 -35.01
N GLN D 169 13.01 -3.43 -35.84
CA GLN D 169 14.39 -3.54 -35.33
C GLN D 169 14.99 -2.17 -35.11
N HIS D 170 14.64 -1.23 -35.97
CA HIS D 170 15.11 0.14 -35.82
C HIS D 170 14.32 0.87 -34.72
N PHE D 171 12.99 0.88 -34.83
CA PHE D 171 12.13 1.42 -33.79
C PHE D 171 11.70 0.31 -32.85
N SER D 172 12.65 -0.14 -32.05
CA SER D 172 12.52 -1.36 -31.30
C SER D 172 11.98 -1.11 -29.89
N TYR D 173 11.66 -2.20 -29.20
CA TYR D 173 11.21 -2.10 -27.83
C TYR D 173 12.31 -1.47 -26.96
N ASN D 174 13.55 -1.86 -27.22
CA ASN D 174 14.68 -1.31 -26.46
C ASN D 174 14.87 0.17 -26.72
N HIS D 175 14.70 0.59 -27.97
CA HIS D 175 14.77 2.02 -28.29
C HIS D 175 13.67 2.83 -27.60
N MET D 176 12.46 2.27 -27.54
CA MET D 176 11.37 2.91 -26.82
C MET D 176 11.75 3.06 -25.34
N MET D 177 12.20 1.97 -24.72
CA MET D 177 12.63 2.00 -23.33
C MET D 177 13.70 3.04 -23.05
N GLU D 178 14.63 3.21 -23.98
CA GLU D 178 15.70 4.18 -23.81
C GLU D 178 15.19 5.61 -23.85
N LYS D 179 14.26 5.93 -24.76
CA LYS D 179 13.65 7.27 -24.77
C LYS D 179 12.84 7.50 -23.51
N ILE D 180 12.16 6.47 -23.04
CA ILE D 180 11.37 6.61 -21.83
C ILE D 180 12.31 6.77 -20.61
N LYS D 181 13.41 6.04 -20.60
CA LYS D 181 14.40 6.23 -19.52
C LYS D 181 14.98 7.65 -19.51
N SER D 182 15.11 8.26 -20.70
CA SER D 182 15.48 9.67 -20.79
C SER D 182 14.44 10.57 -20.10
N TYR D 183 13.16 10.29 -20.32
CA TYR D 183 12.12 11.04 -19.63
C TYR D 183 12.18 10.79 -18.12
N VAL D 184 12.47 9.56 -17.74
CA VAL D 184 12.62 9.22 -16.34
C VAL D 184 13.79 9.99 -15.70
N ASN D 185 14.89 10.14 -16.44
CA ASN D 185 16.03 10.92 -15.96
C ASN D 185 15.61 12.37 -15.70
N TYR D 186 14.73 12.88 -16.54
CA TYR D 186 14.19 14.19 -16.32
C TYR D 186 13.33 14.30 -15.04
N VAL D 187 12.43 13.34 -14.81
CA VAL D 187 11.65 13.30 -13.56
C VAL D 187 12.59 13.23 -12.35
N LEU D 188 13.62 12.40 -12.46
CA LEU D 188 14.61 12.25 -11.41
C LEU D 188 15.32 13.58 -11.11
N SER D 189 15.68 14.32 -12.15
CA SER D 189 16.39 15.60 -11.96
C SER D 189 15.48 16.57 -11.20
N GLU D 190 14.20 16.54 -11.53
CA GLU D 190 13.25 17.40 -10.84
C GLU D 190 12.96 16.93 -9.42
N LYS D 191 12.84 15.62 -9.20
CA LYS D 191 12.38 15.15 -7.89
C LYS D 191 13.46 14.60 -6.95
N SER D 192 14.71 14.47 -7.40
CA SER D 192 15.74 13.84 -6.56
C SER D 192 16.01 14.65 -5.29
N SER D 193 15.57 15.91 -5.29
CA SER D 193 15.76 16.81 -4.17
C SER D 193 14.52 17.05 -3.30
N THR D 194 13.46 16.24 -3.46
CA THR D 194 12.24 16.46 -2.69
C THR D 194 12.45 16.17 -1.20
N PHE D 195 11.58 16.70 -0.36
CA PHE D 195 11.86 16.79 1.08
C PHE D 195 12.36 15.50 1.71
N LEU D 196 11.61 14.42 1.54
CA LEU D 196 11.90 13.18 2.25
C LEU D 196 13.25 12.56 1.86
N MET D 197 13.52 12.49 0.58
CA MET D 197 14.77 11.88 0.12
C MET D 197 15.99 12.74 0.49
N LYS D 198 15.86 14.05 0.31
CA LYS D 198 16.93 14.97 0.65
C LYS D 198 17.26 14.87 2.13
N ALA D 199 16.22 14.76 2.97
CA ALA D 199 16.42 14.61 4.41
C ALA D 199 17.08 13.26 4.69
N ALA D 200 16.58 12.19 4.08
CA ALA D 200 17.15 10.87 4.28
C ALA D 200 18.61 10.80 3.78
N ALA D 201 18.89 11.44 2.65
CA ALA D 201 20.23 11.41 2.07
C ALA D 201 21.29 12.02 3.01
N LYS D 202 20.94 13.10 3.69
CA LYS D 202 21.88 13.74 4.59
C LYS D 202 22.12 12.90 5.84
N VAL D 203 21.16 12.06 6.20
CA VAL D 203 21.33 11.19 7.37
C VAL D 203 22.40 10.13 7.10
N VAL D 204 22.50 9.69 5.84
CA VAL D 204 23.40 8.60 5.49
C VAL D 204 24.68 9.07 4.79
N GLU D 205 24.77 10.37 4.50
CA GLU D 205 25.88 10.93 3.73
C GLU D 205 27.24 10.69 4.38
#